data_3DFK
#
_entry.id   3DFK
#
_cell.length_a   41.530
_cell.length_b   64.263
_cell.length_c   50.375
_cell.angle_alpha   90.00
_cell.angle_beta   99.01
_cell.angle_gamma   90.00
#
_symmetry.space_group_name_H-M   'P 1 21 1'
#
loop_
_entity.id
_entity.type
_entity.pdbx_description
1 polymer 'Teicoplanin pseudoaglycone deacetylase Orf2'
2 non-polymer 'ZINC ION'
3 non-polymer 'DECANOIC ACID'
4 water water
#
_entity_poly.entity_id   1
_entity_poly.type   'polypeptide(L)'
_entity_poly.pdbx_seq_one_letter_code
;(MSE)PHDPGATRLLAISPHLDDAVLSFGAGLAQAAQDGANVLVYTVFAGAAQPPYSPAAQR(MSE)HTIWGLAPDDDAV
LYRRKEDIAALDHLRVAHRHGRFLDSIYRKLPDGRWLTAHVEGRQKLAVNDHSPDSDHDLVGEVADDIRSIIDEFDPTLV
VTCAAIGEHPDHEATRDAALFATHEKNVPVRLWEDLPYAVFKSGAVELPQGFRLGSADVSSVKPE(MSE)RSQKFQAVER
YSSQ(MSE)VLLNGSENNLFDRLDEHARQNAPHGGYGETTWPVVRSDDS
;
_entity_poly.pdbx_strand_id   A
#
# COMPACT_ATOMS: atom_id res chain seq x y z
N THR A 8 -19.46 11.26 3.65
CA THR A 8 -18.07 10.97 3.18
C THR A 8 -17.95 9.51 2.79
N ARG A 9 -17.36 9.26 1.61
CA ARG A 9 -17.15 7.91 1.15
C ARG A 9 -15.67 7.86 0.80
N LEU A 10 -14.91 7.20 1.66
CA LEU A 10 -13.45 7.20 1.56
C LEU A 10 -12.97 5.87 1.00
N LEU A 11 -12.29 5.92 -0.15
CA LEU A 11 -11.79 4.71 -0.77
C LEU A 11 -10.28 4.76 -0.61
N ALA A 12 -9.73 3.79 0.13
CA ALA A 12 -8.29 3.72 0.25
C ALA A 12 -7.83 2.60 -0.66
N ILE A 13 -6.76 2.84 -1.42
CA ILE A 13 -6.26 1.85 -2.35
C ILE A 13 -4.87 1.42 -1.92
N SER A 14 -4.78 0.21 -1.39
CA SER A 14 -3.53 -0.30 -0.83
C SER A 14 -2.83 -1.17 -1.88
N PRO A 15 -1.51 -0.97 -2.08
CA PRO A 15 -0.85 -1.90 -2.99
C PRO A 15 -0.89 -3.33 -2.47
N HIS A 16 -0.45 -3.52 -1.22
CA HIS A 16 -0.31 -4.84 -0.65
C HIS A 16 -1.17 -4.98 0.58
N LEU A 17 -1.31 -6.22 1.03
CA LEU A 17 -2.04 -6.53 2.26
C LEU A 17 -1.21 -6.14 3.50
N ASP A 18 -1.26 -4.86 3.84
CA ASP A 18 -0.67 -4.23 5.03
C ASP A 18 -0.43 -2.72 4.87
N ASP A 19 -0.30 -2.26 3.63
CA ASP A 19 0.23 -0.92 3.43
C ASP A 19 -0.71 0.17 3.94
N ALA A 20 -2.00 0.03 3.67
CA ALA A 20 -2.98 1.05 4.06
C ALA A 20 -3.03 1.17 5.61
N VAL A 21 -2.98 0.04 6.28
CA VAL A 21 -3.04 0.05 7.76
C VAL A 21 -1.75 0.65 8.33
N LEU A 22 -0.60 0.21 7.81
CA LEU A 22 0.68 0.75 8.27
C LEU A 22 0.78 2.26 8.07
N SER A 23 0.31 2.73 6.92
CA SER A 23 0.55 4.12 6.55
C SER A 23 -0.57 5.06 6.94
N PHE A 24 -1.79 4.53 7.03
CA PHE A 24 -2.96 5.38 7.09
C PHE A 24 -4.03 4.80 8.01
N GLY A 25 -3.65 3.79 8.81
CA GLY A 25 -4.61 3.12 9.70
C GLY A 25 -5.28 4.08 10.67
N ALA A 26 -4.53 5.03 11.21
CA ALA A 26 -5.14 5.99 12.15
C ALA A 26 -6.16 6.87 11.43
N GLY A 27 -5.82 7.33 10.22
CA GLY A 27 -6.76 8.08 9.37
C GLY A 27 -8.03 7.32 9.03
N LEU A 28 -7.87 6.04 8.70
CA LEU A 28 -8.99 5.18 8.34
C LEU A 28 -9.93 4.97 9.54
N ALA A 29 -9.32 4.68 10.69
CA ALA A 29 -10.08 4.44 11.93
C ALA A 29 -10.86 5.69 12.32
N GLN A 30 -10.20 6.85 12.24
CA GLN A 30 -10.84 8.12 12.60
C GLN A 30 -12.00 8.44 11.65
N ALA A 31 -11.78 8.21 10.36
CA ALA A 31 -12.82 8.39 9.35
C ALA A 31 -14.05 7.56 9.70
N ALA A 32 -13.84 6.30 10.05
CA ALA A 32 -14.94 5.39 10.39
C ALA A 32 -15.71 5.91 11.60
N GLN A 33 -14.98 6.28 12.63
CA GLN A 33 -15.59 6.82 13.86
C GLN A 33 -16.38 8.11 13.59
N ASP A 34 -15.87 8.93 12.69
CA ASP A 34 -16.55 10.17 12.28
C ASP A 34 -17.82 9.93 11.49
N GLY A 35 -18.04 8.68 11.06
CA GLY A 35 -19.26 8.30 10.33
C GLY A 35 -19.09 8.14 8.83
N ALA A 36 -17.86 8.24 8.33
CA ALA A 36 -17.59 8.06 6.91
C ALA A 36 -17.79 6.61 6.50
N ASN A 37 -18.18 6.37 5.25
CA ASN A 37 -18.22 5.02 4.70
C ASN A 37 -16.82 4.73 4.17
N VAL A 38 -16.13 3.75 4.74
CA VAL A 38 -14.71 3.54 4.40
C VAL A 38 -14.52 2.17 3.78
N LEU A 39 -13.81 2.12 2.64
CA LEU A 39 -13.56 0.86 1.98
C LEU A 39 -12.08 0.83 1.66
N VAL A 40 -11.37 -0.22 2.07
CA VAL A 40 -9.94 -0.35 1.75
C VAL A 40 -9.80 -1.46 0.73
N TYR A 41 -9.42 -1.07 -0.48
CA TYR A 41 -9.28 -1.99 -1.59
C TYR A 41 -7.79 -2.26 -1.75
N THR A 42 -7.41 -3.54 -1.73
CA THR A 42 -6.00 -3.91 -1.94
C THR A 42 -5.84 -4.47 -3.34
N VAL A 43 -4.96 -3.84 -4.11
CA VAL A 43 -4.74 -4.19 -5.52
C VAL A 43 -4.10 -5.57 -5.66
N PHE A 44 -2.98 -5.77 -5.00
CA PHE A 44 -2.14 -6.94 -5.23
C PHE A 44 -2.46 -8.04 -4.24
N ALA A 45 -3.76 -8.38 -4.16
CA ALA A 45 -4.26 -9.42 -3.26
C ALA A 45 -4.70 -10.65 -4.04
N GLY A 46 -4.25 -10.78 -5.30
CA GLY A 46 -4.73 -11.85 -6.16
C GLY A 46 -4.26 -13.21 -5.70
N ALA A 47 -5.13 -14.21 -5.83
CA ALA A 47 -4.84 -15.58 -5.41
C ALA A 47 -3.67 -16.14 -6.19
N ALA A 48 -2.76 -16.80 -5.49
CA ALA A 48 -1.61 -17.42 -6.14
C ALA A 48 -1.57 -18.88 -5.71
N GLN A 49 -1.15 -19.74 -6.62
CA GLN A 49 -1.07 -21.16 -6.32
C GLN A 49 0.29 -21.68 -6.77
N PRO A 50 0.78 -22.76 -6.11
CA PRO A 50 2.05 -23.33 -6.58
C PRO A 50 1.94 -23.75 -8.05
N PRO A 51 3.09 -23.88 -8.74
CA PRO A 51 4.43 -23.71 -8.16
C PRO A 51 4.81 -22.25 -7.95
N TYR A 52 5.53 -22.01 -6.85
CA TYR A 52 6.06 -20.69 -6.51
C TYR A 52 7.52 -20.61 -6.91
N SER A 53 7.99 -19.41 -7.19
CA SER A 53 9.41 -19.22 -7.47
C SER A 53 10.21 -19.49 -6.20
N PRO A 54 11.52 -19.79 -6.33
CA PRO A 54 12.39 -19.78 -5.15
C PRO A 54 12.29 -18.49 -4.33
N ALA A 55 12.21 -17.32 -4.99
CA ALA A 55 12.11 -16.05 -4.27
C ALA A 55 10.82 -15.99 -3.44
N ALA A 56 9.70 -16.39 -4.03
CA ALA A 56 8.41 -16.43 -3.31
C ALA A 56 8.48 -17.39 -2.14
N GLN A 57 9.04 -18.58 -2.39
CA GLN A 57 9.24 -19.56 -1.32
C GLN A 57 10.10 -19.00 -0.20
N ARG A 58 11.14 -18.24 -0.55
CA ARG A 58 11.96 -17.53 0.46
C ARG A 58 11.11 -16.54 1.29
N HIS A 60 7.88 -16.63 1.75
CA HIS A 60 6.91 -17.42 2.52
C HIS A 60 7.51 -17.89 3.83
N THR A 61 8.75 -18.39 3.78
CA THR A 61 9.52 -18.73 4.98
C THR A 61 9.75 -17.53 5.93
N ILE A 62 10.12 -16.38 5.40
CA ILE A 62 10.29 -15.16 6.18
C ILE A 62 8.96 -14.76 6.86
N TRP A 63 7.88 -14.99 6.15
CA TRP A 63 6.52 -14.73 6.65
C TRP A 63 6.01 -15.79 7.64
N GLY A 64 6.85 -16.77 7.94
CA GLY A 64 6.52 -17.80 8.91
C GLY A 64 5.59 -18.87 8.38
N LEU A 65 5.60 -19.05 7.07
CA LEU A 65 4.80 -20.07 6.40
C LEU A 65 5.71 -21.14 5.81
N ALA A 66 5.12 -22.27 5.47
CA ALA A 66 5.84 -23.30 4.72
C ALA A 66 6.01 -22.77 3.29
N PRO A 67 7.09 -23.19 2.59
CA PRO A 67 7.35 -22.66 1.25
C PRO A 67 6.15 -22.74 0.30
N ASP A 68 5.39 -23.84 0.35
CA ASP A 68 4.30 -24.06 -0.57
C ASP A 68 2.90 -23.72 -0.03
N ASP A 69 2.85 -23.01 1.10
CA ASP A 69 1.58 -22.63 1.72
C ASP A 69 0.83 -21.64 0.83
N ASP A 70 -0.48 -21.56 1.04
CA ASP A 70 -1.30 -20.54 0.37
C ASP A 70 -1.13 -19.22 1.11
N ALA A 71 -0.04 -18.53 0.83
CA ALA A 71 0.34 -17.32 1.53
C ALA A 71 -0.67 -16.20 1.30
N VAL A 72 -1.21 -16.12 0.08
CA VAL A 72 -2.20 -15.08 -0.21
C VAL A 72 -3.42 -15.24 0.69
N LEU A 73 -3.88 -16.47 0.85
CA LEU A 73 -5.01 -16.74 1.75
C LEU A 73 -4.71 -16.30 3.20
N TYR A 74 -3.53 -16.67 3.70
CA TYR A 74 -3.08 -16.28 5.04
C TYR A 74 -3.08 -14.78 5.18
N ARG A 75 -2.50 -14.09 4.21
CA ARG A 75 -2.42 -12.64 4.26
C ARG A 75 -3.77 -11.93 4.10
N ARG A 76 -4.66 -12.53 3.30
CA ARG A 76 -5.99 -11.94 3.15
C ARG A 76 -6.69 -12.03 4.49
N LYS A 77 -6.54 -13.15 5.20
CA LYS A 77 -7.19 -13.28 6.52
C LYS A 77 -6.64 -12.27 7.54
N GLU A 78 -5.33 -12.05 7.51
CA GLU A 78 -4.70 -11.03 8.35
C GLU A 78 -5.29 -9.65 8.03
N ASP A 79 -5.40 -9.35 6.74
CA ASP A 79 -5.93 -8.06 6.29
C ASP A 79 -7.36 -7.84 6.80
N ILE A 80 -8.17 -8.87 6.68
CA ILE A 80 -9.57 -8.78 7.12
C ILE A 80 -9.62 -8.53 8.62
N ALA A 81 -8.77 -9.24 9.36
CA ALA A 81 -8.68 -9.03 10.82
C ALA A 81 -8.24 -7.60 11.17
N ALA A 82 -7.18 -7.11 10.53
CA ALA A 82 -6.72 -5.75 10.76
C ALA A 82 -7.77 -4.70 10.44
N LEU A 83 -8.42 -4.83 9.28
CA LEU A 83 -9.40 -3.84 8.86
C LEU A 83 -10.66 -3.93 9.71
N ASP A 84 -11.05 -5.16 10.07
CA ASP A 84 -12.11 -5.40 11.04
C ASP A 84 -11.79 -4.65 12.34
N HIS A 85 -10.53 -4.71 12.77
CA HIS A 85 -10.13 -4.00 13.99
C HIS A 85 -10.32 -2.49 13.89
N LEU A 86 -10.00 -1.92 12.74
CA LEU A 86 -10.21 -0.48 12.47
C LEU A 86 -11.67 -0.13 12.22
N ARG A 87 -12.50 -1.18 12.09
CA ARG A 87 -13.94 -1.10 11.81
C ARG A 87 -14.25 -0.57 10.42
N VAL A 88 -13.47 -0.99 9.44
CA VAL A 88 -13.66 -0.57 8.04
C VAL A 88 -13.76 -1.79 7.10
N ALA A 89 -14.36 -1.58 5.93
CA ALA A 89 -14.61 -2.65 4.97
C ALA A 89 -13.37 -2.90 4.13
N HIS A 90 -13.28 -4.10 3.57
CA HIS A 90 -12.15 -4.49 2.72
C HIS A 90 -12.65 -4.96 1.39
N ARG A 91 -11.76 -4.95 0.40
CA ARG A 91 -12.05 -5.52 -0.89
C ARG A 91 -10.72 -5.99 -1.44
N HIS A 92 -10.63 -7.27 -1.79
CA HIS A 92 -9.36 -7.87 -2.20
C HIS A 92 -9.31 -8.03 -3.70
N GLY A 93 -8.37 -7.31 -4.31
CA GLY A 93 -8.20 -7.31 -5.77
C GLY A 93 -7.60 -8.59 -6.34
N ARG A 94 -7.51 -8.62 -7.66
CA ARG A 94 -7.15 -9.84 -8.40
C ARG A 94 -5.68 -9.89 -8.85
N PHE A 95 -4.92 -8.82 -8.61
CA PHE A 95 -3.56 -8.75 -9.19
C PHE A 95 -2.54 -9.46 -8.35
N LEU A 96 -1.62 -10.14 -9.02
CA LEU A 96 -0.59 -10.91 -8.34
C LEU A 96 0.53 -10.01 -7.85
N ASP A 97 0.89 -10.19 -6.58
CA ASP A 97 2.05 -9.56 -5.98
C ASP A 97 3.26 -9.81 -6.88
N SER A 98 4.22 -8.90 -6.87
CA SER A 98 5.40 -9.01 -7.72
C SER A 98 6.13 -10.35 -7.56
N ILE A 99 6.05 -11.00 -6.39
CA ILE A 99 6.75 -12.30 -6.22
C ILE A 99 6.10 -13.48 -6.93
N TYR A 100 4.91 -13.26 -7.47
CA TYR A 100 4.16 -14.31 -8.15
C TYR A 100 4.02 -14.07 -9.64
N ARG A 101 4.41 -12.88 -10.10
CA ARG A 101 4.19 -12.55 -11.50
C ARG A 101 5.29 -13.11 -12.38
N LYS A 102 4.92 -13.40 -13.63
CA LYS A 102 5.88 -13.83 -14.65
C LYS A 102 6.03 -12.76 -15.73
N LEU A 103 7.16 -12.82 -16.44
CA LEU A 103 7.41 -11.96 -17.57
C LEU A 103 6.78 -12.54 -18.81
N PRO A 104 6.60 -11.71 -19.86
CA PRO A 104 6.07 -12.27 -21.10
C PRO A 104 6.86 -13.49 -21.59
N ASP A 105 8.16 -13.55 -21.30
CA ASP A 105 9.02 -14.67 -21.76
C ASP A 105 8.96 -15.94 -20.88
N GLY A 106 8.16 -15.90 -19.82
CA GLY A 106 8.00 -17.04 -18.93
C GLY A 106 8.86 -17.04 -17.68
N ARG A 107 9.88 -16.18 -17.62
CA ARG A 107 10.70 -16.07 -16.41
C ARG A 107 9.87 -15.44 -15.29
N TRP A 108 10.27 -15.67 -14.05
CA TRP A 108 9.65 -14.94 -12.94
C TRP A 108 10.06 -13.48 -13.01
N LEU A 109 9.17 -12.59 -12.59
CA LEU A 109 9.50 -11.18 -12.50
C LEU A 109 10.58 -10.93 -11.46
N THR A 110 10.45 -11.59 -10.31
CA THR A 110 11.37 -11.33 -9.20
C THR A 110 12.29 -12.53 -8.96
N ALA A 111 13.56 -12.26 -8.75
CA ALA A 111 14.50 -13.34 -8.51
C ALA A 111 15.30 -13.13 -7.24
N HIS A 112 15.68 -14.24 -6.61
CA HIS A 112 16.66 -14.21 -5.53
C HIS A 112 18.07 -14.42 -6.10
N VAL A 113 19.00 -13.54 -5.71
CA VAL A 113 20.39 -13.60 -6.15
C VAL A 113 21.23 -14.12 -4.98
N GLU A 114 21.98 -15.18 -5.22
CA GLU A 114 22.74 -15.86 -4.16
C GLU A 114 23.62 -14.85 -3.44
N GLY A 115 23.47 -14.80 -2.11
CA GLY A 115 24.26 -13.91 -1.27
C GLY A 115 23.77 -12.47 -1.19
N ARG A 116 22.66 -12.17 -1.86
CA ARG A 116 22.05 -10.85 -1.80
C ARG A 116 20.72 -10.96 -1.06
N GLN A 117 20.55 -10.13 -0.03
CA GLN A 117 19.31 -10.10 0.74
C GLN A 117 18.14 -9.54 -0.08
N LYS A 118 18.40 -8.45 -0.81
CA LYS A 118 17.36 -7.78 -1.58
C LYS A 118 17.02 -8.56 -2.85
N LEU A 119 15.74 -8.76 -3.10
CA LEU A 119 15.28 -9.42 -4.31
C LEU A 119 15.47 -8.52 -5.52
N ALA A 120 15.84 -9.12 -6.65
CA ALA A 120 16.09 -8.39 -7.88
C ALA A 120 14.84 -8.49 -8.75
N VAL A 121 14.60 -7.47 -9.57
CA VAL A 121 13.52 -7.55 -10.57
C VAL A 121 14.14 -7.74 -11.95
N ASN A 122 13.66 -8.73 -12.69
CA ASN A 122 14.12 -8.97 -14.06
C ASN A 122 13.63 -7.89 -15.00
N ASP A 123 14.50 -7.49 -15.92
CA ASP A 123 14.10 -6.46 -16.86
C ASP A 123 13.00 -6.99 -17.78
N HIS A 124 12.10 -6.09 -18.16
CA HIS A 124 10.95 -6.44 -18.97
C HIS A 124 10.46 -5.22 -19.74
N SER A 125 9.59 -5.45 -20.71
CA SER A 125 9.21 -4.40 -21.64
C SER A 125 8.47 -3.24 -21.01
N PRO A 126 8.64 -2.03 -21.57
CA PRO A 126 7.78 -0.90 -21.23
C PRO A 126 6.30 -1.26 -21.41
N ASP A 127 5.97 -1.99 -22.49
CA ASP A 127 4.59 -2.38 -22.75
C ASP A 127 3.96 -3.19 -21.60
N SER A 128 4.74 -4.10 -21.03
CA SER A 128 4.21 -4.97 -19.98
C SER A 128 3.88 -4.18 -18.70
N ASP A 129 4.73 -3.19 -18.38
CA ASP A 129 4.46 -2.26 -17.28
C ASP A 129 3.19 -1.42 -17.56
N HIS A 130 3.12 -0.85 -18.75
CA HIS A 130 1.98 -0.02 -19.16
C HIS A 130 0.69 -0.83 -19.06
N ASP A 131 0.74 -2.09 -19.52
CA ASP A 131 -0.44 -2.97 -19.54
C ASP A 131 -0.95 -3.27 -18.14
N LEU A 132 -0.03 -3.55 -17.22
CA LEU A 132 -0.41 -3.78 -15.83
C LEU A 132 -1.08 -2.56 -15.21
N VAL A 133 -0.44 -1.39 -15.35
CA VAL A 133 -1.01 -0.16 -14.80
C VAL A 133 -2.40 0.06 -15.40
N GLY A 134 -2.53 -0.15 -16.71
CA GLY A 134 -3.82 -0.03 -17.40
C GLY A 134 -4.89 -0.92 -16.81
N GLU A 135 -4.54 -2.18 -16.55
CA GLU A 135 -5.49 -3.13 -15.95
C GLU A 135 -5.90 -2.71 -14.55
N VAL A 136 -4.94 -2.27 -13.75
CA VAL A 136 -5.25 -1.82 -12.39
C VAL A 136 -6.17 -0.59 -12.46
N ALA A 137 -5.84 0.34 -13.35
CA ALA A 137 -6.64 1.55 -13.56
C ALA A 137 -8.07 1.17 -13.97
N ASP A 138 -8.23 0.14 -14.80
CA ASP A 138 -9.57 -0.36 -15.20
C ASP A 138 -10.35 -0.79 -13.97
N ASP A 139 -9.71 -1.59 -13.12
CA ASP A 139 -10.37 -2.10 -11.91
C ASP A 139 -10.72 -0.97 -10.95
N ILE A 140 -9.81 -0.02 -10.80
CA ILE A 140 -10.07 1.12 -9.92
C ILE A 140 -11.24 1.97 -10.46
N ARG A 141 -11.27 2.19 -11.77
CA ARG A 141 -12.41 2.93 -12.36
C ARG A 141 -13.75 2.23 -12.08
N SER A 142 -13.77 0.90 -12.17
CA SER A 142 -14.95 0.10 -11.83
C SER A 142 -15.37 0.25 -10.37
N ILE A 143 -14.40 0.22 -9.46
CA ILE A 143 -14.69 0.40 -8.04
C ILE A 143 -15.19 1.82 -7.75
N ILE A 144 -14.62 2.81 -8.43
CA ILE A 144 -15.08 4.19 -8.30
C ILE A 144 -16.54 4.27 -8.72
N ASP A 145 -16.89 3.64 -9.84
CA ASP A 145 -18.29 3.65 -10.31
C ASP A 145 -19.18 2.98 -9.27
N GLU A 146 -18.71 1.88 -8.70
CA GLU A 146 -19.50 1.09 -7.78
C GLU A 146 -19.66 1.73 -6.40
N PHE A 147 -18.54 2.20 -5.84
CA PHE A 147 -18.51 2.75 -4.49
C PHE A 147 -18.83 4.24 -4.43
N ASP A 148 -18.51 4.95 -5.51
CA ASP A 148 -18.73 6.40 -5.63
C ASP A 148 -18.05 7.20 -4.50
N PRO A 149 -16.72 7.08 -4.40
CA PRO A 149 -16.03 7.73 -3.29
C PRO A 149 -16.05 9.25 -3.46
N THR A 150 -16.01 9.96 -2.34
CA THR A 150 -15.85 11.41 -2.35
C THR A 150 -14.37 11.77 -2.26
N LEU A 151 -13.56 10.79 -1.84
CA LEU A 151 -12.11 10.97 -1.69
C LEU A 151 -11.43 9.63 -1.87
N VAL A 152 -10.34 9.63 -2.61
CA VAL A 152 -9.52 8.44 -2.77
C VAL A 152 -8.16 8.73 -2.14
N VAL A 153 -7.63 7.79 -1.33
CA VAL A 153 -6.27 7.93 -0.82
C VAL A 153 -5.50 6.67 -1.21
N THR A 154 -4.27 6.85 -1.68
CA THR A 154 -3.42 5.71 -2.01
C THR A 154 -2.00 6.05 -1.63
N CYS A 155 -1.04 5.23 -2.04
CA CYS A 155 0.33 5.38 -1.56
C CYS A 155 1.14 6.36 -2.41
N ALA A 156 2.08 7.07 -1.77
CA ALA A 156 3.03 7.92 -2.51
C ALA A 156 4.06 7.06 -3.26
N ALA A 157 4.20 5.80 -2.85
CA ALA A 157 5.25 4.91 -3.37
C ALA A 157 6.66 5.40 -3.03
N ILE A 158 6.78 6.00 -1.85
CA ILE A 158 8.08 6.21 -1.24
C ILE A 158 8.69 4.84 -1.02
N GLY A 159 9.94 4.67 -1.42
CA GLY A 159 10.58 3.36 -1.35
C GLY A 159 10.63 2.68 -2.71
N GLU A 160 9.84 3.19 -3.65
CA GLU A 160 9.86 2.79 -5.07
C GLU A 160 9.54 1.31 -5.36
N HIS A 161 8.79 0.64 -4.48
CA HIS A 161 8.39 -0.74 -4.76
C HIS A 161 7.55 -0.70 -6.04
N PRO A 162 7.83 -1.60 -7.00
CA PRO A 162 7.10 -1.58 -8.28
C PRO A 162 5.59 -1.68 -8.11
N ASP A 163 5.15 -2.47 -7.12
CA ASP A 163 3.73 -2.64 -6.89
C ASP A 163 3.10 -1.36 -6.34
N HIS A 164 3.88 -0.62 -5.55
CA HIS A 164 3.43 0.66 -5.02
C HIS A 164 3.34 1.68 -6.12
N GLU A 165 4.35 1.71 -6.99
CA GLU A 165 4.29 2.67 -8.10
C GLU A 165 3.12 2.36 -9.04
N ALA A 166 2.87 1.10 -9.33
CA ALA A 166 1.79 0.71 -10.24
C ALA A 166 0.44 1.09 -9.65
N THR A 167 0.30 0.87 -8.35
CA THR A 167 -0.95 1.20 -7.64
C THR A 167 -1.19 2.72 -7.70
N ARG A 168 -0.17 3.49 -7.33
CA ARG A 168 -0.26 4.94 -7.27
C ARG A 168 -0.61 5.48 -8.64
N ASP A 169 0.18 5.09 -9.64
CA ASP A 169 -0.06 5.60 -10.97
C ASP A 169 -1.46 5.27 -11.50
N ALA A 170 -1.90 4.01 -11.35
CA ALA A 170 -3.21 3.60 -11.80
C ALA A 170 -4.32 4.38 -11.09
N ALA A 171 -4.18 4.57 -9.78
CA ALA A 171 -5.12 5.42 -9.01
C ALA A 171 -5.14 6.86 -9.51
N LEU A 172 -3.98 7.42 -9.86
CA LEU A 172 -3.92 8.77 -10.42
C LEU A 172 -4.68 8.87 -11.73
N PHE A 173 -4.43 7.91 -12.62
CA PHE A 173 -5.12 7.91 -13.92
C PHE A 173 -6.64 7.76 -13.76
N ALA A 174 -7.04 6.80 -12.94
CA ALA A 174 -8.45 6.52 -12.75
C ALA A 174 -9.16 7.69 -12.10
N THR A 175 -8.59 8.25 -11.04
CA THR A 175 -9.23 9.37 -10.35
C THR A 175 -9.27 10.63 -11.22
N HIS A 176 -8.24 10.82 -12.03
CA HIS A 176 -8.21 11.95 -12.97
C HIS A 176 -9.36 11.84 -13.98
N GLU A 177 -9.52 10.65 -14.55
CA GLU A 177 -10.56 10.38 -15.54
C GLU A 177 -11.96 10.52 -14.95
N LYS A 178 -12.13 10.02 -13.72
CA LYS A 178 -13.41 10.06 -13.02
C LYS A 178 -13.68 11.36 -12.25
N ASN A 179 -12.68 12.25 -12.21
CA ASN A 179 -12.74 13.52 -11.51
C ASN A 179 -13.10 13.35 -10.03
N VAL A 180 -12.34 12.49 -9.34
CA VAL A 180 -12.46 12.39 -7.88
C VAL A 180 -11.14 12.82 -7.21
N PRO A 181 -11.24 13.58 -6.09
CA PRO A 181 -10.06 14.09 -5.41
C PRO A 181 -9.22 12.92 -4.94
N VAL A 182 -7.91 13.08 -5.02
CA VAL A 182 -7.00 12.01 -4.58
C VAL A 182 -5.92 12.60 -3.69
N ARG A 183 -5.50 11.82 -2.69
CA ARG A 183 -4.39 12.17 -1.82
C ARG A 183 -3.50 10.95 -1.72
N LEU A 184 -2.21 11.19 -1.46
CA LEU A 184 -1.25 10.10 -1.26
C LEU A 184 -0.79 10.09 0.18
N TRP A 185 -0.69 8.91 0.79
CA TRP A 185 -0.10 8.83 2.11
C TRP A 185 1.39 8.62 2.03
N GLU A 186 2.08 8.99 3.10
CA GLU A 186 3.49 8.69 3.23
C GLU A 186 3.65 7.20 3.56
N ASP A 187 4.31 6.44 2.68
CA ASP A 187 4.41 4.98 2.86
C ASP A 187 5.21 4.69 4.12
N LEU A 188 4.62 3.92 5.04
CA LEU A 188 5.33 3.47 6.23
C LEU A 188 5.48 1.95 6.24
N PRO A 189 6.59 1.44 6.81
CA PRO A 189 7.70 2.16 7.45
C PRO A 189 8.73 2.75 6.45
N TYR A 190 8.53 2.55 5.16
CA TYR A 190 9.49 3.02 4.12
C TYR A 190 10.05 4.42 4.34
N ALA A 191 9.17 5.37 4.63
CA ALA A 191 9.55 6.77 4.78
C ALA A 191 10.53 7.00 5.95
N VAL A 192 10.66 6.02 6.83
CA VAL A 192 11.61 6.15 7.95
C VAL A 192 13.05 6.02 7.45
N PHE A 193 13.20 5.34 6.32
CA PHE A 193 14.53 5.13 5.75
C PHE A 193 14.74 5.60 4.31
N LYS A 194 13.82 6.42 3.81
CA LYS A 194 13.93 7.04 2.46
C LYS A 194 13.75 8.57 2.51
N SER A 195 14.24 9.26 1.47
CA SER A 195 14.23 10.73 1.46
C SER A 195 12.83 11.34 1.49
N GLY A 196 11.89 10.68 0.82
CA GLY A 196 10.51 11.13 0.76
C GLY A 196 10.08 11.69 -0.59
N ALA A 197 11.05 12.03 -1.43
CA ALA A 197 10.74 12.60 -2.74
C ALA A 197 10.28 11.49 -3.68
N VAL A 198 9.25 11.76 -4.47
CA VAL A 198 8.77 10.80 -5.45
C VAL A 198 8.57 11.47 -6.81
N GLU A 199 8.65 10.67 -7.86
CA GLU A 199 8.45 11.14 -9.22
C GLU A 199 7.08 10.64 -9.66
N LEU A 200 6.16 11.57 -9.89
CA LEU A 200 4.80 11.24 -10.32
C LEU A 200 4.69 11.20 -11.85
N PRO A 201 3.62 10.58 -12.39
CA PRO A 201 3.46 10.61 -13.85
C PRO A 201 3.26 12.03 -14.34
N GLN A 202 3.64 12.29 -15.58
CA GLN A 202 3.59 13.64 -16.12
C GLN A 202 2.17 14.19 -15.97
N GLY A 203 2.08 15.44 -15.54
CA GLY A 203 0.81 16.15 -15.42
C GLY A 203 0.30 16.23 -14.00
N PHE A 204 0.91 15.47 -13.10
CA PHE A 204 0.49 15.45 -11.69
C PHE A 204 1.58 16.01 -10.77
N ARG A 205 1.17 16.66 -9.68
CA ARG A 205 2.11 17.08 -8.66
C ARG A 205 1.47 17.10 -7.29
N LEU A 206 2.30 17.07 -6.27
CA LEU A 206 1.80 17.11 -4.90
C LEU A 206 1.57 18.53 -4.45
N GLY A 207 0.47 18.73 -3.72
CA GLY A 207 0.24 20.00 -3.04
C GLY A 207 0.93 19.96 -1.69
N SER A 208 0.56 20.90 -0.82
CA SER A 208 1.19 21.01 0.48
C SER A 208 0.77 19.84 1.37
N ALA A 209 1.72 19.36 2.16
CA ALA A 209 1.48 18.23 3.09
C ALA A 209 0.46 18.61 4.16
N ASP A 210 -0.30 17.62 4.59
CA ASP A 210 -1.06 17.73 5.81
C ASP A 210 -0.44 16.72 6.74
N VAL A 211 -0.18 17.12 7.98
CA VAL A 211 0.23 16.16 8.99
C VAL A 211 -0.92 16.08 9.98
N SER A 212 -1.53 14.91 10.08
CA SER A 212 -2.75 14.81 10.88
C SER A 212 -2.39 14.80 12.36
N SER A 213 -3.37 15.11 13.19
CA SER A 213 -3.19 14.98 14.63
C SER A 213 -4.26 13.98 15.05
N VAL A 214 -3.81 12.80 15.48
CA VAL A 214 -4.75 11.73 15.78
C VAL A 214 -4.81 11.56 17.29
N LYS A 215 -6.00 11.25 17.80
CA LYS A 215 -6.16 11.03 19.23
C LYS A 215 -5.41 9.76 19.64
N PRO A 216 -4.90 9.71 20.88
CA PRO A 216 -4.15 8.52 21.30
C PRO A 216 -4.93 7.20 21.08
N GLU A 217 -6.25 7.23 21.18
CA GLU A 217 -7.06 6.03 20.96
C GLU A 217 -6.92 5.51 19.54
N ARG A 219 -4.22 6.05 17.58
CA ARG A 219 -2.89 5.48 17.44
C ARG A 219 -2.91 4.06 17.98
N SER A 220 -3.54 3.88 19.14
CA SER A 220 -3.59 2.57 19.75
C SER A 220 -4.29 1.59 18.82
N GLN A 221 -5.38 2.03 18.21
CA GLN A 221 -6.20 1.16 17.38
C GLN A 221 -5.41 0.80 16.11
N LYS A 222 -4.71 1.78 15.56
CA LYS A 222 -3.84 1.51 14.39
C LYS A 222 -2.77 0.48 14.71
N PHE A 223 -2.01 0.71 15.77
CA PHE A 223 -0.94 -0.21 16.17
C PHE A 223 -1.44 -1.61 16.48
N GLN A 224 -2.62 -1.73 17.13
CA GLN A 224 -3.23 -3.04 17.34
C GLN A 224 -3.59 -3.70 16.01
N ALA A 225 -4.10 -2.92 15.06
CA ALA A 225 -4.47 -3.44 13.75
C ALA A 225 -3.22 -3.91 13.01
N VAL A 226 -2.14 -3.16 13.13
CA VAL A 226 -0.87 -3.56 12.49
C VAL A 226 -0.47 -4.95 12.98
N GLU A 227 -0.62 -5.21 14.27
CA GLU A 227 -0.27 -6.52 14.82
C GLU A 227 -1.04 -7.71 14.28
N ARG A 228 -2.19 -7.46 13.66
CA ARG A 228 -2.94 -8.53 13.02
C ARG A 228 -2.17 -9.10 11.82
N TYR A 229 -1.23 -8.34 11.28
CA TYR A 229 -0.43 -8.81 10.15
C TYR A 229 0.76 -9.63 10.66
N SER A 230 0.44 -10.75 11.29
CA SER A 230 1.44 -11.61 11.93
C SER A 230 2.61 -11.94 11.01
N SER A 231 2.30 -12.26 9.76
CA SER A 231 3.31 -12.67 8.80
C SER A 231 4.35 -11.59 8.54
N GLN A 232 3.97 -10.34 8.80
CA GLN A 232 4.80 -9.20 8.45
C GLN A 232 5.58 -8.67 9.63
N VAL A 234 7.93 -9.86 11.98
CA VAL A 234 9.38 -10.07 12.08
C VAL A 234 10.09 -9.17 11.07
N LEU A 235 9.57 -9.16 9.84
CA LEU A 235 10.12 -8.35 8.76
C LEU A 235 10.06 -6.85 9.07
N LEU A 236 8.91 -6.39 9.56
CA LEU A 236 8.72 -4.96 9.87
C LEU A 236 9.45 -4.50 11.13
N ASN A 237 9.56 -5.38 12.13
CA ASN A 237 10.21 -5.02 13.39
C ASN A 237 11.73 -4.86 13.27
N GLY A 238 12.32 -5.61 12.34
CA GLY A 238 13.76 -5.57 12.12
C GLY A 238 14.55 -6.21 13.25
N SER A 239 15.87 -5.97 13.24
CA SER A 239 16.76 -6.57 14.22
C SER A 239 16.76 -5.83 15.56
N GLU A 240 15.87 -4.84 15.68
CA GLU A 240 15.73 -4.07 16.92
C GLU A 240 14.38 -4.27 17.63
N ASN A 241 13.46 -4.99 16.97
CA ASN A 241 12.08 -5.13 17.48
C ASN A 241 11.43 -3.80 17.80
N ASN A 242 11.57 -2.84 16.90
CA ASN A 242 11.24 -1.46 17.21
C ASN A 242 10.36 -0.75 16.19
N LEU A 243 9.48 -1.48 15.52
CA LEU A 243 8.60 -0.84 14.54
C LEU A 243 7.79 0.31 15.13
N PHE A 244 7.07 0.04 16.21
CA PHE A 244 6.22 1.09 16.74
C PHE A 244 7.01 2.27 17.31
N ASP A 245 8.19 2.00 17.87
CA ASP A 245 9.08 3.09 18.30
C ASP A 245 9.48 3.98 17.12
N ARG A 246 9.81 3.36 15.99
CA ARG A 246 10.22 4.10 14.81
C ARG A 246 9.07 4.88 14.22
N LEU A 247 7.88 4.30 14.20
CA LEU A 247 6.69 5.02 13.73
C LEU A 247 6.35 6.19 14.64
N ASP A 248 6.46 5.97 15.96
CA ASP A 248 6.21 7.07 16.92
C ASP A 248 7.20 8.20 16.75
N GLU A 249 8.47 7.86 16.57
CA GLU A 249 9.53 8.86 16.42
C GLU A 249 9.34 9.65 15.12
N HIS A 250 8.91 8.96 14.07
CA HIS A 250 8.68 9.61 12.79
C HIS A 250 7.53 10.61 12.91
N ALA A 251 6.46 10.19 13.57
CA ALA A 251 5.33 11.08 13.83
C ALA A 251 5.77 12.27 14.67
N ARG A 252 6.57 12.01 15.71
CA ARG A 252 7.04 13.06 16.62
C ARG A 252 7.89 14.12 15.89
N GLN A 253 8.76 13.68 14.99
CA GLN A 253 9.56 14.57 14.14
C GLN A 253 8.70 15.60 13.39
N ASN A 254 7.61 15.10 12.80
CA ASN A 254 6.71 15.90 11.97
C ASN A 254 5.69 16.72 12.74
N ALA A 255 5.62 16.48 14.04
CA ALA A 255 4.76 17.24 14.94
C ALA A 255 5.33 17.20 16.36
N PRO A 256 6.42 17.96 16.62
CA PRO A 256 7.04 17.98 17.95
C PRO A 256 6.15 18.58 19.04
N HIS A 257 5.09 19.29 18.64
CA HIS A 257 4.13 19.89 19.56
C HIS A 257 2.83 19.09 19.58
N GLY A 258 2.84 17.92 18.93
CA GLY A 258 1.63 17.13 18.77
C GLY A 258 1.73 15.72 19.27
N GLY A 259 0.70 14.95 19.00
CA GLY A 259 0.73 13.53 19.31
C GLY A 259 1.05 12.78 18.04
N TYR A 260 0.34 11.67 17.86
CA TYR A 260 0.57 10.85 16.68
C TYR A 260 -0.08 11.50 15.45
N GLY A 261 0.45 11.18 14.27
CA GLY A 261 -0.17 11.66 13.06
C GLY A 261 0.37 10.94 11.84
N GLU A 262 -0.24 11.24 10.70
CA GLU A 262 0.13 10.65 9.43
C GLU A 262 0.21 11.76 8.40
N THR A 263 1.24 11.69 7.55
CA THR A 263 1.44 12.70 6.52
C THR A 263 0.77 12.24 5.22
N THR A 264 0.00 13.16 4.63
CA THR A 264 -0.63 12.96 3.32
C THR A 264 -0.50 14.22 2.48
N TRP A 265 -0.52 14.05 1.15
CA TRP A 265 -0.47 15.19 0.23
C TRP A 265 -1.62 15.06 -0.75
N PRO A 266 -2.21 16.20 -1.16
CA PRO A 266 -3.18 16.14 -2.25
C PRO A 266 -2.43 16.03 -3.57
N VAL A 267 -3.01 15.35 -4.56
CA VAL A 267 -2.40 15.32 -5.88
C VAL A 267 -3.23 16.24 -6.76
N VAL A 268 -2.56 17.16 -7.41
CA VAL A 268 -3.27 18.14 -8.24
C VAL A 268 -2.61 18.12 -9.59
N ARG A 269 -3.23 18.81 -10.56
CA ARG A 269 -2.68 18.85 -11.91
C ARG A 269 -1.59 19.91 -11.94
N SER A 270 -0.52 19.61 -12.67
CA SER A 270 0.58 20.54 -12.85
C SER A 270 0.12 21.70 -13.71
N ASP A 271 0.73 22.85 -13.51
CA ASP A 271 0.49 24.00 -14.40
C ASP A 271 0.86 23.60 -15.83
N ASP A 272 0.10 24.12 -16.80
CA ASP A 272 0.27 23.82 -18.24
C ASP A 272 0.00 22.37 -18.65
N SER A 273 -0.79 21.66 -17.84
CA SER A 273 -1.07 20.26 -18.13
C SER A 273 -2.57 20.01 -18.26
#